data_4GQ7
#
_entry.id   4GQ7
#
_cell.length_a   36.056
_cell.length_b   59.947
_cell.length_c   82.344
_cell.angle_alpha   90.000
_cell.angle_beta   90.000
_cell.angle_gamma   90.000
#
_symmetry.space_group_name_H-M   'P 21 21 21'
#
loop_
_entity.id
_entity.type
_entity.pdbx_description
1 polymer Flocculin
2 non-polymer 'CALCIUM ION'
3 non-polymer 2-acetamido-2-deoxy-beta-D-glucopyranose
4 water water
#
_entity_poly.entity_id   1
_entity_poly.type   'polypeptide(L)'
_entity_poly.pdbx_seq_one_letter_code
;EAEATQACLPVGSRKNGMNVNFYKYSLQDSTTYSDPQYMAYKYSDTKKLGSVSGQTHLSIYYGPNTAFWNTASWSSDLFG
FYTTPTNVTVEMTGYFLPPQTGSYTFKFATVDDSAILSVGGSIAFECCAQEQPPITSTDFTINGIKPWDAAAPTDIKGST
YMYAGYYYPIKIVYSNAKALARLPVSVVLPDGTEVNDDFEGYVYSFDDDLSQSNCTIPDPSKHT
;
_entity_poly.pdbx_strand_id   A
#
# COMPACT_ATOMS: atom_id res chain seq x y z
N ALA A 2 16.40 -16.94 9.50
CA ALA A 2 15.66 -17.83 8.54
C ALA A 2 14.17 -17.52 8.48
N GLU A 3 13.63 -16.95 9.56
CA GLU A 3 12.19 -16.70 9.71
C GLU A 3 11.80 -15.23 10.02
N ALA A 4 12.72 -14.45 10.58
CA ALA A 4 12.43 -13.06 10.93
C ALA A 4 12.25 -12.21 9.67
N THR A 5 11.28 -11.30 9.70
CA THR A 5 10.98 -10.42 8.56
C THR A 5 12.08 -9.38 8.40
N GLN A 6 12.51 -9.16 7.17
CA GLN A 6 13.58 -8.22 6.87
C GLN A 6 13.13 -6.77 7.06
N ALA A 7 13.97 -5.99 7.74
CA ALA A 7 13.73 -4.56 7.95
C ALA A 7 14.93 -3.76 7.42
N CYS A 8 14.89 -2.44 7.59
CA CYS A 8 15.95 -1.56 7.12
C CYS A 8 16.25 -0.47 8.13
N LEU A 9 17.41 0.17 7.95
CA LEU A 9 17.77 1.34 8.74
C LEU A 9 18.42 2.41 7.85
N PRO A 10 17.60 3.12 7.05
CA PRO A 10 18.14 4.21 6.23
C PRO A 10 18.66 5.36 7.08
N VAL A 11 19.72 6.01 6.59
CA VAL A 11 20.39 7.09 7.32
C VAL A 11 20.13 8.45 6.65
N GLY A 12 19.41 8.46 5.53
CA GLY A 12 19.02 9.72 4.87
C GLY A 12 18.09 10.55 5.74
N SER A 13 17.83 11.78 5.32
CA SER A 13 16.92 12.65 6.08
C SER A 13 15.48 12.10 5.98
N ARG A 14 14.88 11.86 7.14
CA ARG A 14 13.57 11.20 7.23
C ARG A 14 12.44 12.15 6.85
N LYS A 15 11.61 11.71 5.92
CA LYS A 15 10.45 12.48 5.47
C LYS A 15 9.17 11.85 6.02
N ASN A 16 8.22 12.69 6.38
CA ASN A 16 6.97 12.22 6.95
C ASN A 16 6.07 11.65 5.87
N GLY A 17 5.37 10.55 6.17
CA GLY A 17 4.35 10.02 5.26
C GLY A 17 4.82 9.21 4.08
N MET A 18 3.88 8.83 3.21
CA MET A 18 4.09 7.88 2.12
C MET A 18 4.07 8.55 0.76
N ASN A 19 4.74 7.93 -0.21
CA ASN A 19 4.66 8.35 -1.61
C ASN A 19 3.56 7.56 -2.29
N VAL A 20 2.78 8.23 -3.13
CA VAL A 20 1.64 7.62 -3.79
C VAL A 20 1.70 7.93 -5.28
N ASN A 21 1.88 6.89 -6.10
CA ASN A 21 1.85 7.00 -7.55
C ASN A 21 0.50 6.57 -8.08
N PHE A 22 0.08 7.18 -9.20
CA PHE A 22 -1.18 6.85 -9.85
C PHE A 22 -0.96 6.28 -11.26
N TYR A 23 -1.84 5.35 -11.65
CA TYR A 23 -1.73 4.68 -12.94
C TYR A 23 -3.05 4.59 -13.69
N LYS A 24 -2.98 4.68 -15.02
CA LYS A 24 -4.13 4.43 -15.90
C LYS A 24 -4.77 3.10 -15.55
N TYR A 25 -6.09 3.11 -15.37
CA TYR A 25 -6.85 1.89 -15.28
C TYR A 25 -8.19 2.08 -15.98
N SER A 26 -8.60 1.07 -16.75
CA SER A 26 -9.77 1.17 -17.63
C SER A 26 -11.08 1.01 -16.88
N LEU A 27 -12.04 1.85 -17.23
CA LEU A 27 -13.38 1.77 -16.67
C LEU A 27 -13.98 0.41 -17.01
N GLN A 28 -14.42 -0.30 -15.96
CA GLN A 28 -15.05 -1.62 -16.06
C GLN A 28 -14.12 -2.78 -16.46
N ASP A 29 -12.82 -2.60 -16.27
CA ASP A 29 -11.85 -3.71 -16.38
C ASP A 29 -11.81 -4.47 -15.06
N SER A 30 -12.61 -5.53 -14.96
CA SER A 30 -12.67 -6.30 -13.72
C SER A 30 -11.84 -7.58 -13.78
N THR A 31 -10.86 -7.64 -14.68
CA THR A 31 -10.01 -8.84 -14.82
C THR A 31 -8.52 -8.55 -14.59
N THR A 32 -7.99 -7.46 -15.15
CA THR A 32 -6.56 -7.16 -15.00
C THR A 32 -6.13 -7.14 -13.52
N TYR A 33 -6.92 -6.50 -12.65
CA TYR A 33 -6.57 -6.40 -11.23
C TYR A 33 -6.81 -7.67 -10.41
N SER A 34 -7.19 -8.76 -11.09
CA SER A 34 -7.30 -10.07 -10.44
C SER A 34 -6.07 -10.95 -10.72
N ASP A 35 -5.11 -10.41 -11.47
CA ASP A 35 -3.83 -11.06 -11.70
C ASP A 35 -2.84 -10.70 -10.58
N PRO A 36 -2.29 -11.71 -9.87
CA PRO A 36 -1.30 -11.45 -8.82
C PRO A 36 -0.02 -10.75 -9.32
N GLN A 37 0.35 -11.00 -10.57
CA GLN A 37 1.52 -10.37 -11.17
C GLN A 37 1.23 -8.89 -11.44
N TYR A 38 -0.02 -8.57 -11.79
CA TYR A 38 -0.40 -7.18 -12.02
C TYR A 38 -0.37 -6.35 -10.72
N MET A 39 -0.94 -6.91 -9.66
CA MET A 39 -1.01 -6.21 -8.38
C MET A 39 0.35 -6.11 -7.69
N ALA A 40 1.23 -7.08 -7.97
CA ALA A 40 2.59 -7.06 -7.43
C ALA A 40 3.44 -6.00 -8.10
N TYR A 41 3.46 -5.96 -9.43
CA TYR A 41 4.40 -5.08 -10.17
C TYR A 41 4.01 -4.63 -11.60
N LYS A 42 3.27 -5.44 -12.35
CA LYS A 42 2.97 -5.13 -13.76
C LYS A 42 2.17 -3.83 -13.93
N TYR A 43 1.52 -3.38 -12.86
CA TYR A 43 0.89 -2.03 -12.85
C TYR A 43 1.87 -0.92 -13.23
N SER A 44 3.16 -1.11 -12.90
CA SER A 44 4.19 -0.11 -13.17
C SER A 44 4.59 -0.03 -14.64
N ASP A 45 4.19 -1.03 -15.42
CA ASP A 45 4.42 -1.04 -16.86
C ASP A 45 3.28 -0.37 -17.63
N THR A 46 2.29 0.17 -16.91
CA THR A 46 1.22 0.95 -17.55
C THR A 46 1.51 2.46 -17.41
N LYS A 47 0.65 3.30 -17.99
CA LYS A 47 0.89 4.75 -18.01
C LYS A 47 0.79 5.37 -16.62
N LYS A 48 1.91 5.90 -16.14
CA LYS A 48 1.94 6.59 -14.86
C LYS A 48 1.36 7.98 -15.06
N LEU A 49 0.41 8.36 -14.19
CA LEU A 49 -0.29 9.64 -14.30
C LEU A 49 0.38 10.72 -13.47
N GLY A 50 0.90 10.34 -12.31
CA GLY A 50 1.59 11.27 -11.43
C GLY A 50 1.79 10.72 -10.03
N SER A 51 2.14 11.59 -9.10
CA SER A 51 2.38 11.16 -7.73
C SER A 51 2.28 12.31 -6.72
N VAL A 52 2.01 11.94 -5.47
CA VAL A 52 2.04 12.89 -4.37
C VAL A 52 2.88 12.30 -3.24
N SER A 53 3.48 13.15 -2.41
CA SER A 53 4.30 12.68 -1.30
C SER A 53 3.73 13.07 0.05
N GLY A 54 4.35 12.59 1.11
CA GLY A 54 3.98 12.95 2.47
C GLY A 54 2.58 12.54 2.91
N GLN A 55 2.03 11.49 2.31
CA GLN A 55 0.68 11.03 2.65
C GLN A 55 0.64 10.13 3.90
N THR A 56 -0.10 10.56 4.91
CA THR A 56 -0.19 9.87 6.18
C THR A 56 -1.55 9.20 6.44
N HIS A 57 -2.57 9.66 5.73
CA HIS A 57 -3.89 9.04 5.75
C HIS A 57 -3.96 8.02 4.62
N LEU A 58 -4.01 6.74 4.98
CA LEU A 58 -3.85 5.65 4.02
C LEU A 58 -5.17 5.09 3.48
N SER A 59 -6.28 5.38 4.14
CA SER A 59 -7.57 4.83 3.72
C SER A 59 -8.10 5.52 2.46
N ILE A 60 -8.68 4.72 1.57
CA ILE A 60 -9.33 5.22 0.37
C ILE A 60 -10.84 5.23 0.59
N TYR A 61 -11.46 6.40 0.43
CA TYR A 61 -12.90 6.55 0.53
C TYR A 61 -13.40 7.45 -0.59
N TYR A 62 -14.13 6.88 -1.55
CA TYR A 62 -14.81 7.69 -2.57
C TYR A 62 -16.12 7.05 -3.01
N GLY A 63 -17.10 7.90 -3.28
CA GLY A 63 -18.36 7.48 -3.88
C GLY A 63 -18.80 8.57 -4.85
N PRO A 64 -19.19 8.20 -6.09
CA PRO A 64 -19.68 9.22 -7.02
C PRO A 64 -21.13 9.65 -6.74
N ASN A 65 -21.69 10.48 -7.62
CA ASN A 65 -23.11 10.90 -7.50
C ASN A 65 -24.15 9.78 -7.73
N THR A 66 -23.68 8.62 -8.20
CA THR A 66 -24.48 7.39 -8.28
C THR A 66 -25.60 7.40 -9.33
N ALA A 67 -25.68 8.49 -10.11
CA ALA A 67 -26.69 8.60 -11.16
C ALA A 67 -26.36 7.67 -12.32
N PHE A 68 -25.07 7.42 -12.53
CA PHE A 68 -24.60 6.47 -13.55
C PHE A 68 -23.44 5.64 -13.00
N TRP A 69 -23.64 4.33 -12.90
CA TRP A 69 -22.58 3.40 -12.47
C TRP A 69 -21.83 2.80 -13.67
N ASN A 70 -21.77 3.56 -14.77
CA ASN A 70 -21.10 3.13 -16.00
C ASN A 70 -20.32 4.25 -16.71
N THR A 71 -20.08 5.34 -15.96
CA THR A 71 -19.25 6.45 -16.42
C THR A 71 -18.19 6.75 -15.36
N ALA A 72 -17.09 7.34 -15.81
CA ALA A 72 -16.05 7.79 -14.90
C ALA A 72 -16.55 9.02 -14.13
N SER A 73 -15.92 9.30 -13.00
CA SER A 73 -16.19 10.51 -12.23
C SER A 73 -14.89 11.03 -11.65
N TRP A 74 -14.68 12.33 -11.76
CA TRP A 74 -13.40 12.94 -11.39
C TRP A 74 -13.43 13.55 -10.00
N SER A 75 -12.29 13.50 -9.30
CA SER A 75 -12.18 14.03 -7.93
C SER A 75 -10.73 14.09 -7.48
N SER A 76 -10.47 14.89 -6.45
CA SER A 76 -9.16 14.93 -5.78
C SER A 76 -9.18 14.15 -4.45
N ASP A 77 -10.31 13.52 -4.13
CA ASP A 77 -10.48 12.78 -2.88
C ASP A 77 -9.41 11.70 -2.62
N LEU A 78 -8.77 11.18 -3.66
CA LEU A 78 -7.65 10.25 -3.47
C LEU A 78 -6.34 11.02 -3.31
N PHE A 79 -6.00 11.28 -2.05
CA PHE A 79 -4.71 11.85 -1.65
C PHE A 79 -4.41 13.22 -2.25
N GLY A 80 -5.45 13.98 -2.56
CA GLY A 80 -5.29 15.31 -3.18
C GLY A 80 -4.88 15.32 -4.64
N PHE A 81 -4.87 14.15 -5.28
CA PHE A 81 -4.49 14.03 -6.70
C PHE A 81 -5.76 13.93 -7.54
N TYR A 82 -5.88 14.81 -8.52
CA TYR A 82 -7.07 14.87 -9.36
C TYR A 82 -7.03 13.77 -10.41
N THR A 83 -7.92 12.80 -10.27
CA THR A 83 -8.02 11.67 -11.19
C THR A 83 -9.45 11.10 -11.19
N THR A 84 -9.59 9.86 -11.62
CA THR A 84 -10.89 9.17 -11.65
C THR A 84 -10.88 8.02 -10.66
N PRO A 85 -11.40 8.24 -9.44
CA PRO A 85 -11.42 7.16 -8.44
C PRO A 85 -12.30 5.98 -8.84
N THR A 86 -13.23 6.20 -9.77
CA THR A 86 -14.06 5.13 -10.32
C THR A 86 -13.24 4.15 -11.14
N ASN A 87 -12.10 4.62 -11.67
CA ASN A 87 -11.19 3.75 -12.40
C ASN A 87 -9.74 4.24 -12.35
N VAL A 88 -8.94 3.60 -11.50
CA VAL A 88 -7.56 3.99 -11.28
C VAL A 88 -6.84 2.92 -10.48
N THR A 89 -5.53 2.83 -10.66
CA THR A 89 -4.68 2.02 -9.78
C THR A 89 -3.73 2.98 -9.04
N VAL A 90 -3.53 2.72 -7.76
CA VAL A 90 -2.66 3.56 -6.92
C VAL A 90 -1.64 2.69 -6.19
N GLU A 91 -0.41 3.20 -6.09
CA GLU A 91 0.68 2.53 -5.38
C GLU A 91 1.14 3.43 -4.27
N MET A 92 0.95 2.99 -3.02
CA MET A 92 1.46 3.69 -1.84
C MET A 92 2.70 2.96 -1.34
N THR A 93 3.78 3.71 -1.13
CA THR A 93 5.02 3.14 -0.57
C THR A 93 5.56 4.00 0.56
N GLY A 94 6.27 3.36 1.49
CA GLY A 94 6.92 4.05 2.58
C GLY A 94 7.57 3.03 3.50
N TYR A 95 7.96 3.48 4.68
CA TYR A 95 8.48 2.60 5.72
C TYR A 95 7.63 2.74 7.00
N PHE A 96 7.16 1.61 7.53
CA PHE A 96 6.46 1.57 8.81
C PHE A 96 7.46 1.40 9.96
N LEU A 97 7.37 2.29 10.95
CA LEU A 97 8.27 2.28 12.10
C LEU A 97 7.52 1.84 13.36
N PRO A 98 7.76 0.59 13.82
CA PRO A 98 7.18 0.13 15.07
C PRO A 98 7.80 0.82 16.29
N PRO A 99 6.98 1.46 17.12
CA PRO A 99 7.52 2.05 18.34
C PRO A 99 7.67 1.02 19.47
N GLN A 100 7.03 -0.13 19.31
CA GLN A 100 7.18 -1.27 20.25
C GLN A 100 7.41 -2.57 19.49
N THR A 101 8.10 -3.51 20.14
CA THR A 101 8.29 -4.86 19.60
C THR A 101 7.08 -5.73 19.87
N GLY A 102 6.62 -6.42 18.82
CA GLY A 102 5.47 -7.31 18.93
C GLY A 102 4.79 -7.57 17.59
N SER A 103 3.56 -8.07 17.66
CA SER A 103 2.81 -8.43 16.48
C SER A 103 1.93 -7.27 16.00
N TYR A 104 2.00 -6.99 14.70
CA TYR A 104 1.23 -5.91 14.08
C TYR A 104 0.28 -6.50 13.05
N THR A 105 -1.02 -6.40 13.32
CA THR A 105 -2.03 -6.98 12.45
C THR A 105 -2.69 -5.87 11.61
N PHE A 106 -2.21 -5.72 10.37
CA PHE A 106 -2.79 -4.77 9.43
C PHE A 106 -4.10 -5.34 8.87
N LYS A 107 -5.04 -4.46 8.56
CA LYS A 107 -6.37 -4.89 8.12
C LYS A 107 -7.00 -3.97 7.08
N PHE A 108 -7.72 -4.59 6.13
CA PHE A 108 -8.64 -3.90 5.26
C PHE A 108 -10.05 -4.28 5.74
N ALA A 109 -10.79 -3.30 6.26
CA ALA A 109 -12.19 -3.55 6.69
C ALA A 109 -13.02 -4.10 5.53
N THR A 110 -12.77 -3.56 4.34
CA THR A 110 -13.27 -4.14 3.10
C THR A 110 -12.34 -3.77 1.93
N VAL A 111 -12.53 -4.42 0.78
CA VAL A 111 -11.72 -4.15 -0.42
C VAL A 111 -12.63 -3.97 -1.64
N ASP A 112 -12.47 -2.84 -2.33
CA ASP A 112 -13.39 -2.44 -3.39
C ASP A 112 -12.67 -1.50 -4.38
N ASP A 113 -12.13 -2.01 -5.50
CA ASP A 113 -12.35 -3.38 -6.00
C ASP A 113 -11.28 -4.39 -5.58
N SER A 114 -10.01 -4.04 -5.79
CA SER A 114 -8.90 -4.98 -5.58
C SER A 114 -7.73 -4.28 -4.89
N ALA A 115 -7.04 -5.00 -4.01
CA ALA A 115 -5.96 -4.40 -3.23
C ALA A 115 -4.99 -5.42 -2.63
N ILE A 116 -3.81 -4.91 -2.26
CA ILE A 116 -2.71 -5.72 -1.77
C ILE A 116 -2.01 -4.94 -0.65
N LEU A 117 -1.45 -5.66 0.34
CA LEU A 117 -0.49 -5.09 1.29
C LEU A 117 0.72 -6.00 1.38
N SER A 118 1.90 -5.44 1.13
CA SER A 118 3.16 -6.16 1.29
C SER A 118 4.03 -5.47 2.33
N VAL A 119 4.59 -6.26 3.25
CA VAL A 119 5.38 -5.73 4.37
C VAL A 119 6.73 -6.44 4.45
N GLY A 120 7.81 -5.65 4.51
CA GLY A 120 9.15 -6.18 4.68
C GLY A 120 10.10 -5.87 3.55
N GLY A 121 11.40 -6.01 3.81
CA GLY A 121 12.44 -5.85 2.81
C GLY A 121 12.45 -7.03 1.85
N SER A 122 12.61 -6.73 0.56
CA SER A 122 12.51 -7.72 -0.53
C SER A 122 11.14 -8.38 -0.66
N ILE A 123 10.13 -7.80 0.02
CA ILE A 123 8.74 -8.22 -0.13
C ILE A 123 7.92 -7.03 -0.62
N ALA A 124 8.00 -5.91 0.10
CA ALA A 124 7.36 -4.65 -0.33
C ALA A 124 8.26 -3.95 -1.33
N PHE A 125 9.54 -3.86 -0.99
CA PHE A 125 10.59 -3.39 -1.88
C PHE A 125 11.96 -3.58 -1.19
N GLU A 126 13.04 -3.26 -1.91
CA GLU A 126 14.39 -3.42 -1.38
C GLU A 126 14.78 -2.22 -0.52
N CYS A 127 15.48 -2.49 0.59
CA CYS A 127 15.88 -1.44 1.53
C CYS A 127 16.67 -0.33 0.84
N CYS A 128 16.38 0.91 1.23
CA CYS A 128 17.00 2.11 0.66
C CYS A 128 16.71 2.24 -0.84
N ALA A 129 15.57 1.71 -1.29
CA ALA A 129 15.19 1.73 -2.70
C ALA A 129 13.67 1.86 -2.86
N GLN A 130 13.08 2.77 -2.08
CA GLN A 130 11.64 2.96 -2.01
C GLN A 130 11.01 3.30 -3.36
N GLU A 131 11.65 4.19 -4.12
CA GLU A 131 11.10 4.70 -5.38
C GLU A 131 11.65 4.01 -6.64
N GLN A 132 12.41 2.92 -6.47
CA GLN A 132 12.84 2.11 -7.62
C GLN A 132 11.62 1.37 -8.18
N PRO A 133 11.72 0.86 -9.43
CA PRO A 133 10.58 0.10 -9.96
C PRO A 133 10.23 -1.09 -9.07
N PRO A 134 8.93 -1.47 -9.02
CA PRO A 134 8.52 -2.54 -8.10
C PRO A 134 9.21 -3.88 -8.33
N ILE A 135 9.47 -4.57 -7.21
CA ILE A 135 10.01 -5.93 -7.25
C ILE A 135 8.88 -6.90 -7.57
N THR A 136 9.25 -8.11 -7.98
CA THR A 136 8.29 -9.09 -8.50
C THR A 136 7.60 -9.98 -7.44
N SER A 137 7.82 -9.68 -6.16
CA SER A 137 7.29 -10.54 -5.08
C SER A 137 5.77 -10.56 -5.02
N THR A 138 5.18 -11.76 -5.05
CA THR A 138 3.75 -11.94 -4.84
C THR A 138 3.43 -12.40 -3.40
N ASP A 139 4.32 -12.08 -2.47
CA ASP A 139 4.29 -12.60 -1.10
C ASP A 139 3.48 -11.69 -0.16
N PHE A 140 2.23 -11.44 -0.52
CA PHE A 140 1.40 -10.41 0.13
C PHE A 140 1.13 -10.71 1.60
N THR A 141 1.18 -9.67 2.45
CA THR A 141 0.78 -9.79 3.85
C THR A 141 -0.74 -9.79 3.95
N ILE A 142 -1.39 -8.96 3.13
CA ILE A 142 -2.84 -9.05 2.93
C ILE A 142 -3.12 -9.18 1.44
N ASN A 143 -3.74 -10.30 1.06
CA ASN A 143 -4.15 -10.55 -0.30
C ASN A 143 -5.63 -10.24 -0.44
N GLY A 144 -5.94 -9.02 -0.90
CA GLY A 144 -7.30 -8.61 -1.21
C GLY A 144 -7.50 -8.49 -2.72
N ILE A 145 -6.87 -9.38 -3.48
CA ILE A 145 -7.06 -9.44 -4.93
C ILE A 145 -8.51 -9.81 -5.22
N LYS A 146 -9.16 -9.05 -6.10
CA LYS A 146 -10.60 -9.18 -6.32
C LYS A 146 -11.00 -10.62 -6.65
N PRO A 147 -11.86 -11.23 -5.81
CA PRO A 147 -12.24 -12.65 -5.92
C PRO A 147 -13.32 -12.91 -6.98
N TRP A 148 -12.99 -12.54 -8.22
CA TRP A 148 -13.84 -12.79 -9.38
C TRP A 148 -15.33 -12.52 -9.11
N ASP A 149 -16.17 -13.57 -9.13
CA ASP A 149 -17.63 -13.39 -9.09
C ASP A 149 -18.20 -13.19 -7.67
N ALA A 150 -17.37 -13.33 -6.64
CA ALA A 150 -17.82 -13.22 -5.25
C ALA A 150 -17.91 -11.76 -4.82
N ALA A 151 -18.61 -11.52 -3.71
CA ALA A 151 -18.78 -10.18 -3.16
C ALA A 151 -17.49 -9.68 -2.50
N ALA A 152 -17.42 -8.38 -2.26
CA ALA A 152 -16.24 -7.78 -1.64
C ALA A 152 -15.93 -8.49 -0.32
N PRO A 153 -14.64 -8.75 -0.05
CA PRO A 153 -14.24 -9.37 1.23
C PRO A 153 -14.35 -8.42 2.42
N THR A 154 -14.38 -9.00 3.62
CA THR A 154 -14.70 -8.26 4.84
C THR A 154 -13.70 -8.59 5.96
N ASP A 155 -13.07 -7.55 6.51
CA ASP A 155 -12.12 -7.68 7.61
C ASP A 155 -11.01 -8.71 7.35
N ILE A 156 -10.25 -8.52 6.29
CA ILE A 156 -9.16 -9.43 5.96
C ILE A 156 -7.84 -8.90 6.52
N LYS A 157 -7.09 -9.79 7.16
CA LYS A 157 -5.99 -9.41 8.03
C LYS A 157 -4.68 -10.01 7.57
N GLY A 158 -3.60 -9.38 8.01
CA GLY A 158 -2.25 -9.86 7.77
C GLY A 158 -1.40 -9.39 8.93
N SER A 159 -0.57 -10.28 9.45
CA SER A 159 0.21 -9.99 10.64
C SER A 159 1.71 -10.05 10.33
N THR A 160 2.43 -9.11 10.92
CA THR A 160 3.88 -9.05 10.81
C THR A 160 4.45 -8.85 12.21
N TYR A 161 5.41 -9.70 12.58
CA TYR A 161 6.17 -9.49 13.81
C TYR A 161 7.26 -8.48 13.51
N MET A 162 7.34 -7.43 14.32
CA MET A 162 8.29 -6.34 14.11
C MET A 162 9.06 -5.99 15.38
N TYR A 163 10.30 -5.52 15.19
CA TYR A 163 11.18 -5.14 16.28
C TYR A 163 11.34 -3.63 16.32
N ALA A 164 11.36 -3.07 17.52
CA ALA A 164 11.32 -1.62 17.72
C ALA A 164 12.54 -0.89 17.14
N GLY A 165 12.28 0.27 16.53
CA GLY A 165 13.33 1.14 16.01
C GLY A 165 13.81 0.82 14.60
N TYR A 166 13.25 -0.23 14.00
CA TYR A 166 13.62 -0.64 12.63
C TYR A 166 12.52 -0.25 11.66
N TYR A 167 12.91 0.23 10.49
CA TYR A 167 11.98 0.62 9.45
C TYR A 167 11.59 -0.59 8.58
N TYR A 168 10.30 -0.86 8.49
CA TYR A 168 9.79 -1.97 7.68
C TYR A 168 9.10 -1.42 6.44
N PRO A 169 9.63 -1.74 5.23
CA PRO A 169 9.01 -1.34 3.98
C PRO A 169 7.56 -1.82 3.87
N ILE A 170 6.68 -0.90 3.47
CA ILE A 170 5.29 -1.25 3.22
C ILE A 170 4.89 -0.75 1.83
N LYS A 171 4.14 -1.57 1.12
CA LYS A 171 3.55 -1.18 -0.15
C LYS A 171 2.11 -1.64 -0.19
N ILE A 172 1.20 -0.71 -0.45
CA ILE A 172 -0.19 -1.03 -0.77
C ILE A 172 -0.39 -0.72 -2.24
N VAL A 173 -1.00 -1.67 -2.95
CA VAL A 173 -1.42 -1.44 -4.32
C VAL A 173 -2.92 -1.67 -4.39
N TYR A 174 -3.67 -0.64 -4.75
CA TYR A 174 -5.12 -0.68 -4.79
C TYR A 174 -5.62 -0.33 -6.19
N SER A 175 -6.70 -0.97 -6.62
CA SER A 175 -7.31 -0.67 -7.91
C SER A 175 -8.83 -0.65 -7.85
N ASN A 176 -9.44 0.19 -8.68
CA ASN A 176 -10.88 0.26 -8.84
C ASN A 176 -11.24 0.32 -10.31
N ALA A 177 -12.34 -0.32 -10.69
CA ALA A 177 -12.82 -0.32 -12.08
C ALA A 177 -14.16 0.38 -12.23
N LYS A 178 -14.87 0.61 -11.13
CA LYS A 178 -16.24 1.08 -11.20
C LYS A 178 -16.72 1.65 -9.87
N ALA A 179 -17.53 2.71 -9.96
CA ALA A 179 -18.33 3.20 -8.84
C ALA A 179 -17.52 3.52 -7.58
N LEU A 180 -17.88 2.92 -6.44
CA LEU A 180 -17.23 3.19 -5.16
C LEU A 180 -15.77 2.76 -5.13
N ALA A 181 -14.96 3.54 -4.42
CA ALA A 181 -13.60 3.16 -4.08
C ALA A 181 -13.50 3.11 -2.56
N ARG A 182 -13.24 1.92 -2.04
CA ARG A 182 -13.20 1.69 -0.60
C ARG A 182 -12.05 0.79 -0.20
N LEU A 183 -11.09 1.36 0.53
CA LEU A 183 -10.07 0.59 1.22
C LEU A 183 -9.82 1.25 2.58
N PRO A 184 -10.56 0.82 3.62
CA PRO A 184 -10.35 1.33 4.98
C PRO A 184 -9.24 0.56 5.69
N VAL A 185 -8.07 1.19 5.79
CA VAL A 185 -6.85 0.57 6.29
C VAL A 185 -6.64 0.88 7.76
N SER A 186 -6.33 -0.15 8.53
CA SER A 186 -5.98 0.01 9.94
C SER A 186 -4.90 -0.99 10.38
N VAL A 187 -4.43 -0.82 11.61
CA VAL A 187 -3.52 -1.76 12.23
C VAL A 187 -3.77 -1.85 13.73
N VAL A 188 -3.78 -3.06 14.25
CA VAL A 188 -3.81 -3.31 15.68
C VAL A 188 -2.37 -3.50 16.13
N LEU A 189 -1.96 -2.69 17.10
CA LEU A 189 -0.58 -2.64 17.57
C LEU A 189 -0.37 -3.74 18.63
N PRO A 190 0.89 -4.00 19.02
CA PRO A 190 1.18 -5.02 20.05
C PRO A 190 0.43 -4.85 21.37
N ASP A 191 0.18 -3.61 21.79
CA ASP A 191 -0.55 -3.35 23.03
C ASP A 191 -2.06 -3.56 22.90
N GLY A 192 -2.54 -3.71 21.67
CA GLY A 192 -3.95 -4.01 21.40
C GLY A 192 -4.75 -2.85 20.83
N THR A 193 -4.19 -1.64 20.90
CA THR A 193 -4.87 -0.45 20.42
C THR A 193 -4.84 -0.35 18.90
N GLU A 194 -5.90 0.24 18.34
CA GLU A 194 -6.13 0.26 16.89
C GLU A 194 -5.84 1.63 16.31
N VAL A 195 -5.13 1.66 15.19
CA VAL A 195 -4.86 2.89 14.45
C VAL A 195 -5.61 2.82 13.12
N ASN A 196 -6.61 3.68 12.96
CA ASN A 196 -7.43 3.76 11.74
C ASN A 196 -7.05 4.96 10.88
N ASP A 197 -6.99 4.76 9.55
CA ASP A 197 -6.76 5.83 8.55
C ASP A 197 -5.44 6.59 8.72
N ASP A 198 -5.34 7.39 9.79
CA ASP A 198 -4.16 8.24 10.00
C ASP A 198 -3.00 7.45 10.60
N PHE A 199 -1.92 7.34 9.83
CA PHE A 199 -0.74 6.59 10.24
C PHE A 199 0.44 7.49 10.59
N GLU A 200 0.17 8.79 10.79
CA GLU A 200 1.23 9.74 11.10
C GLU A 200 1.94 9.38 12.40
N GLY A 201 3.27 9.36 12.34
CA GLY A 201 4.10 8.90 13.45
C GLY A 201 4.68 7.52 13.16
N TYR A 202 4.01 6.76 12.29
CA TYR A 202 4.41 5.38 11.97
C TYR A 202 5.02 5.25 10.58
N VAL A 203 4.45 5.96 9.60
CA VAL A 203 4.89 5.83 8.21
C VAL A 203 5.77 6.99 7.77
N TYR A 204 6.86 6.67 7.08
CA TYR A 204 7.87 7.65 6.69
C TYR A 204 8.40 7.30 5.32
N SER A 205 9.06 8.26 4.66
CA SER A 205 9.75 8.02 3.40
C SER A 205 11.21 8.44 3.50
N PHE A 206 12.06 7.81 2.70
CA PHE A 206 13.44 8.26 2.48
C PHE A 206 13.70 8.30 0.97
N ASP A 207 14.45 9.31 0.52
CA ASP A 207 15.01 9.33 -0.85
C ASP A 207 15.88 8.09 -1.04
N ASP A 208 15.87 7.52 -2.25
CA ASP A 208 16.68 6.33 -2.56
C ASP A 208 18.18 6.61 -2.38
N ASP A 209 18.88 5.64 -1.80
CA ASP A 209 20.33 5.73 -1.62
C ASP A 209 20.91 4.31 -1.54
N LEU A 210 21.32 3.79 -2.70
CA LEU A 210 21.84 2.42 -2.79
C LEU A 210 23.35 2.33 -2.49
N SER A 211 23.99 3.49 -2.30
CA SER A 211 25.38 3.53 -1.84
C SER A 211 25.53 3.11 -0.37
N GLN A 212 24.47 3.29 0.42
CA GLN A 212 24.44 2.85 1.82
C GLN A 212 24.32 1.32 1.88
N SER A 213 25.45 0.65 2.10
CA SER A 213 25.53 -0.82 2.01
C SER A 213 24.85 -1.56 3.18
N ASN A 214 24.90 -0.97 4.38
CA ASN A 214 24.31 -1.59 5.58
C ASN A 214 22.85 -1.19 5.85
N CYS A 215 22.10 -0.85 4.81
CA CYS A 215 20.71 -0.43 4.95
C CYS A 215 19.79 -1.61 5.26
N THR A 216 20.09 -2.77 4.70
CA THR A 216 19.28 -3.98 4.90
C THR A 216 19.60 -4.65 6.23
N ILE A 217 18.56 -4.98 6.99
CA ILE A 217 18.71 -5.70 8.27
C ILE A 217 17.92 -7.00 8.17
N PRO A 218 18.55 -8.09 7.69
CA PRO A 218 17.81 -9.32 7.45
C PRO A 218 17.24 -10.00 8.69
N ASP A 219 17.91 -9.88 9.84
CA ASP A 219 17.38 -10.42 11.08
C ASP A 219 17.46 -9.36 12.19
N PRO A 220 16.41 -8.52 12.30
CA PRO A 220 16.29 -7.50 13.35
C PRO A 220 16.34 -8.01 14.80
N SER A 221 16.22 -9.33 14.99
CA SER A 221 16.43 -9.96 16.30
C SER A 221 17.81 -10.61 16.38
#